data_8GYR
#
_entry.id   8GYR
#
_cell.length_a   34.219
_cell.length_b   63.905
_cell.length_c   171.839
_cell.angle_alpha   90.00
_cell.angle_beta   90.00
_cell.angle_gamma   90.00
#
_symmetry.space_group_name_H-M   'P 21 21 21'
#
loop_
_entity.id
_entity.type
_entity.pdbx_description
1 polymer 'Leptospira Immunoglobulin-like protein'
2 polymer LigA
3 non-polymer 'POTASSIUM ION'
4 non-polymer 'CHLORIDE ION'
5 non-polymer 1,2-ETHANEDIOL
6 non-polymer 'PHOSPHATE ION'
7 non-polymer 'SODIUM ION'
8 non-polymer 'CALCIUM ION'
9 non-polymer 'IODIDE ION'
10 water water
#
loop_
_entity_poly.entity_id
_entity_poly.type
_entity_poly.pdbx_seq_one_letter_code
_entity_poly.pdbx_strand_id
1 'polypeptide(L)'
;TQATLTSIEVSPTRASIAKGMTQKFTATGIFTDHSKKNITEQVTWKSSSKALSMLNAPGEEGTGKAIAVGNISITATLEK
LSGKTDITVTPAILTSIQISPVKHCLVKGLTEKFSATGIYSDNSSKDITSAVTWHSSNNSVATISNTKGYQGQAHGTGTG
TVDIKATLGNVSSAVSKLSVTA
;
A
2 'polypeptide(L)'
;QATLTSIEVSPTRASIAKGMTQKFTATGIFTDHSKKNITEQVTWKSSSKALSMLNAPGEEGTGKAIAVGNISITATLEKL
SGKTDITVTPAILTSIQISPVKHCLVKGLTEKFSATGIYSDNSSKDITSAVTWHSSNNSVATISNTKGYQGQAHGTGTGT
VDIKATLGNVSSQVSKLSVTAAE
;
B
#
# COMPACT_ATOMS: atom_id res chain seq x y z
N THR A 1 -7.24 25.19 -10.71
CA THR A 1 -8.42 25.83 -10.06
C THR A 1 -9.59 25.92 -11.05
N GLN A 2 -9.30 26.08 -12.34
CA GLN A 2 -10.33 26.01 -13.39
C GLN A 2 -10.95 24.60 -13.44
N ALA A 3 -10.12 23.57 -13.20
CA ALA A 3 -10.55 22.18 -13.26
C ALA A 3 -11.43 21.85 -12.06
N THR A 4 -12.49 21.09 -12.32
CA THR A 4 -13.32 20.49 -11.28
C THR A 4 -12.82 19.06 -10.95
N LEU A 5 -12.88 18.69 -9.67
CA LEU A 5 -12.62 17.31 -9.23
C LEU A 5 -13.78 16.43 -9.67
N THR A 6 -13.46 15.29 -10.29
CA THR A 6 -14.47 14.37 -10.80
C THR A 6 -14.44 13.01 -10.16
N SER A 7 -13.29 12.63 -9.61
CA SER A 7 -13.14 11.33 -9.00
C SER A 7 -11.94 11.31 -8.03
N ILE A 8 -11.98 10.36 -7.10
CA ILE A 8 -10.88 10.07 -6.17
C ILE A 8 -10.56 8.60 -6.29
N GLU A 9 -9.28 8.27 -6.49
CA GLU A 9 -8.82 6.91 -6.44
C GLU A 9 -7.93 6.73 -5.20
N VAL A 10 -8.11 5.61 -4.50
CA VAL A 10 -7.32 5.30 -3.32
C VAL A 10 -6.44 4.13 -3.62
N SER A 11 -5.14 4.32 -3.35
CA SER A 11 -4.12 3.31 -3.57
C SER A 11 -3.43 2.99 -2.25
N PRO A 12 -2.93 1.74 -2.04
CA PRO A 12 -3.04 0.65 -3.02
C PRO A 12 -4.41 -0.03 -3.08
N THR A 13 -4.62 -0.89 -4.08
CA THR A 13 -5.97 -1.40 -4.35
C THR A 13 -6.27 -2.68 -3.56
N ARG A 14 -5.22 -3.49 -3.40
CA ARG A 14 -5.18 -4.67 -2.54
C ARG A 14 -3.83 -4.59 -1.83
N ALA A 15 -3.81 -4.90 -0.54
CA ALA A 15 -2.61 -4.88 0.23
C ALA A 15 -2.85 -5.72 1.45
N SER A 16 -1.74 -6.24 1.97
CA SER A 16 -1.67 -6.98 3.22
C SER A 16 -0.66 -6.27 4.11
N ILE A 17 -1.03 -6.16 5.38
CA ILE A 17 -0.21 -5.60 6.41
C ILE A 17 -0.35 -6.49 7.64
N ALA A 18 0.79 -6.82 8.27
CA ALA A 18 0.80 -7.59 9.48
C ALA A 18 0.26 -6.78 10.66
N LYS A 19 -0.47 -7.46 11.54
CA LYS A 19 -0.96 -6.86 12.78
C LYS A 19 0.15 -6.13 13.52
N GLY A 20 -0.08 -4.84 13.80
CA GLY A 20 0.87 -3.97 14.48
C GLY A 20 1.68 -3.07 13.56
N MET A 21 1.65 -3.38 12.26
CA MET A 21 2.35 -2.57 11.26
C MET A 21 1.39 -1.47 10.76
N THR A 22 1.91 -0.60 9.89
CA THR A 22 1.17 0.49 9.30
C THR A 22 1.37 0.54 7.79
N GLN A 23 0.43 1.22 7.12
CA GLN A 23 0.39 1.41 5.67
C GLN A 23 0.01 2.86 5.41
N LYS A 24 0.74 3.51 4.50
CA LYS A 24 0.39 4.85 4.01
C LYS A 24 -0.50 4.69 2.77
N PHE A 25 -1.74 5.20 2.86
CA PHE A 25 -2.63 5.24 1.72
C PHE A 25 -2.42 6.51 0.92
N THR A 26 -2.69 6.43 -0.39
CA THR A 26 -2.65 7.60 -1.25
C THR A 26 -4.04 7.87 -1.83
N ALA A 27 -4.48 9.12 -1.73
CA ALA A 27 -5.67 9.61 -2.45
C ALA A 27 -5.24 10.41 -3.64
N THR A 28 -5.62 9.94 -4.83
CA THR A 28 -5.31 10.65 -6.07
C THR A 28 -6.59 11.27 -6.64
N GLY A 29 -6.61 12.60 -6.73
CA GLY A 29 -7.74 13.35 -7.29
C GLY A 29 -7.67 13.36 -8.80
N ILE A 30 -8.80 13.10 -9.48
CA ILE A 30 -8.88 13.14 -10.93
C ILE A 30 -9.74 14.34 -11.29
N PHE A 31 -9.26 15.15 -12.25
CA PHE A 31 -9.94 16.39 -12.58
C PHE A 31 -10.43 16.46 -14.03
N THR A 32 -11.34 17.41 -14.29
CA THR A 32 -11.94 17.61 -15.61
C THR A 32 -10.92 17.81 -16.72
N ASP A 33 -9.73 18.29 -16.35
CA ASP A 33 -8.62 18.43 -17.30
C ASP A 33 -7.77 17.17 -17.44
N HIS A 34 -8.18 16.09 -16.76
CA HIS A 34 -7.55 14.77 -16.84
C HIS A 34 -6.23 14.66 -16.08
N SER A 35 -5.90 15.73 -15.32
CA SER A 35 -4.76 15.74 -14.41
C SER A 35 -5.07 14.91 -13.16
N LYS A 36 -4.00 14.41 -12.56
CA LYS A 36 -4.07 13.63 -11.33
C LYS A 36 -3.22 14.34 -10.30
N LYS A 37 -3.72 14.40 -9.06
CA LYS A 37 -3.07 15.16 -8.01
C LYS A 37 -3.15 14.38 -6.71
N ASN A 38 -2.03 14.39 -5.97
CA ASN A 38 -1.98 13.84 -4.64
C ASN A 38 -2.78 14.74 -3.70
N ILE A 39 -3.91 14.21 -3.22
CA ILE A 39 -4.78 14.93 -2.29
C ILE A 39 -4.90 14.20 -0.94
N THR A 40 -3.91 13.36 -0.64
CA THR A 40 -3.87 12.59 0.61
C THR A 40 -4.02 13.47 1.87
N GLU A 41 -3.39 14.64 1.88
CA GLU A 41 -3.41 15.52 3.03
C GLU A 41 -4.68 16.37 3.09
N GLN A 42 -5.49 16.33 2.04
CA GLN A 42 -6.65 17.19 1.92
C GLN A 42 -7.97 16.46 2.17
N VAL A 43 -8.01 15.18 1.80
CA VAL A 43 -9.23 14.39 1.94
C VAL A 43 -9.53 14.05 3.39
N THR A 44 -10.74 13.55 3.63
CA THR A 44 -11.09 12.94 4.90
C THR A 44 -10.95 11.44 4.76
N TRP A 45 -10.09 10.83 5.61
CA TRP A 45 -9.93 9.40 5.62
C TRP A 45 -10.77 8.71 6.65
N LYS A 46 -11.30 7.53 6.31
CA LYS A 46 -12.00 6.72 7.27
C LYS A 46 -11.83 5.25 6.96
N SER A 47 -12.03 4.45 8.00
CA SER A 47 -11.90 3.00 7.97
C SER A 47 -13.19 2.40 8.42
N SER A 48 -13.56 1.26 7.81
CA SER A 48 -14.83 0.59 8.06
C SER A 48 -14.88 -0.19 9.37
N SER A 49 -13.70 -0.46 9.96
CA SER A 49 -13.64 -1.28 11.15
C SER A 49 -12.49 -0.91 12.06
N LYS A 50 -12.64 -1.30 13.33
CA LYS A 50 -11.66 -1.08 14.35
C LYS A 50 -10.34 -1.77 14.03
N ALA A 51 -10.39 -2.82 13.20
CA ALA A 51 -9.21 -3.59 12.87
C ALA A 51 -8.13 -2.78 12.15
N LEU A 52 -8.51 -1.66 11.54
CA LEU A 52 -7.54 -0.69 11.02
C LEU A 52 -7.87 0.70 11.49
N SER A 53 -6.92 1.29 12.20
CA SER A 53 -7.08 2.60 12.79
C SER A 53 -6.42 3.63 11.87
N MET A 54 -7.20 4.58 11.36
CA MET A 54 -6.68 5.69 10.59
C MET A 54 -6.11 6.69 11.60
N LEU A 55 -4.81 6.96 11.46
CA LEU A 55 -4.10 7.75 12.44
C LEU A 55 -4.45 9.22 12.32
N ASN A 56 -4.57 9.90 13.48
CA ASN A 56 -5.18 11.20 13.57
C ASN A 56 -4.16 12.29 13.81
N ALA A 57 -2.92 11.90 14.15
CA ALA A 57 -1.94 12.88 14.54
C ALA A 57 -1.49 13.66 13.31
N PRO A 58 -1.16 14.95 13.46
CA PRO A 58 -0.58 15.74 12.36
C PRO A 58 0.59 15.02 11.69
N GLY A 59 0.60 14.96 10.36
CA GLY A 59 1.65 14.28 9.61
C GLY A 59 1.37 12.83 9.33
N GLU A 60 0.34 12.26 9.97
CA GLU A 60 -0.01 10.86 9.82
C GLU A 60 -1.19 10.66 8.86
N GLU A 61 -1.59 11.73 8.16
CA GLU A 61 -2.80 11.72 7.36
C GLU A 61 -2.74 10.59 6.37
N GLY A 62 -3.74 9.71 6.39
CA GLY A 62 -3.85 8.59 5.46
C GLY A 62 -3.03 7.36 5.84
N THR A 63 -2.49 7.37 7.06
CA THR A 63 -1.80 6.22 7.62
C THR A 63 -2.80 5.40 8.38
N GLY A 64 -2.82 4.09 8.07
CA GLY A 64 -3.59 3.10 8.81
C GLY A 64 -2.72 2.19 9.66
N LYS A 65 -3.16 1.91 10.88
CA LYS A 65 -2.45 0.99 11.77
C LYS A 65 -3.28 -0.27 11.98
N ALA A 66 -2.61 -1.41 11.78
CA ALA A 66 -3.24 -2.71 11.87
C ALA A 66 -3.46 -3.08 13.35
N ILE A 67 -4.73 -3.11 13.74
CA ILE A 67 -5.14 -3.37 15.11
C ILE A 67 -5.50 -4.85 15.30
N ALA A 68 -6.18 -5.43 14.31
CA ALA A 68 -6.64 -6.80 14.38
C ALA A 68 -6.72 -7.40 13.01
N VAL A 69 -6.60 -8.73 12.95
CA VAL A 69 -6.63 -9.45 11.69
C VAL A 69 -8.01 -9.30 11.09
N GLY A 70 -8.08 -9.25 9.77
CA GLY A 70 -9.33 -9.17 9.05
C GLY A 70 -9.27 -8.35 7.79
N ASN A 71 -10.44 -8.10 7.22
CA ASN A 71 -10.62 -7.30 6.01
C ASN A 71 -11.24 -5.98 6.36
N ILE A 72 -10.65 -4.90 5.82
CA ILE A 72 -11.11 -3.54 6.06
C ILE A 72 -11.24 -2.75 4.79
N SER A 73 -12.31 -1.94 4.74
CA SER A 73 -12.53 -1.01 3.67
C SER A 73 -12.12 0.40 4.11
N ILE A 74 -11.40 1.09 3.23
CA ILE A 74 -10.89 2.43 3.49
C ILE A 74 -11.51 3.38 2.49
N THR A 75 -11.89 4.57 2.95
CA THR A 75 -12.51 5.58 2.12
C THR A 75 -11.81 6.93 2.27
N ALA A 76 -11.56 7.59 1.14
CA ALA A 76 -11.13 9.00 1.07
C ALA A 76 -12.25 9.82 0.45
N THR A 77 -12.55 10.96 1.06
CA THR A 77 -13.73 11.75 0.71
C THR A 77 -13.35 13.19 0.59
N LEU A 78 -13.87 13.84 -0.45
CA LEU A 78 -13.73 15.29 -0.66
C LEU A 78 -14.78 15.69 -1.64
N GLU A 79 -15.41 16.85 -1.40
CA GLU A 79 -16.48 17.34 -2.28
C GLU A 79 -17.59 16.29 -2.49
N LYS A 80 -17.86 15.47 -1.47
CA LYS A 80 -18.90 14.42 -1.50
C LYS A 80 -18.62 13.21 -2.39
N LEU A 81 -17.48 13.26 -3.09
CA LEU A 81 -16.95 12.18 -3.87
C LEU A 81 -16.07 11.32 -2.98
N SER A 82 -16.14 10.00 -3.20
CA SER A 82 -15.31 9.10 -2.44
C SER A 82 -14.57 8.12 -3.31
N GLY A 83 -13.35 7.80 -2.84
CA GLY A 83 -12.54 6.73 -3.35
C GLY A 83 -12.34 5.71 -2.24
N LYS A 84 -12.30 4.45 -2.66
CA LYS A 84 -12.30 3.35 -1.74
C LYS A 84 -11.24 2.35 -2.10
N THR A 85 -10.82 1.59 -1.09
CA THR A 85 -9.94 0.47 -1.32
C THR A 85 -10.08 -0.52 -0.19
N ASP A 86 -9.43 -1.67 -0.36
CA ASP A 86 -9.49 -2.78 0.55
C ASP A 86 -8.10 -3.07 1.06
N ILE A 87 -8.01 -3.40 2.35
CA ILE A 87 -6.77 -3.92 2.91
C ILE A 87 -7.05 -5.16 3.75
N THR A 88 -6.05 -6.03 3.87
CA THR A 88 -6.13 -7.23 4.67
C THR A 88 -5.06 -7.13 5.75
N VAL A 89 -5.47 -7.28 7.00
CA VAL A 89 -4.54 -7.39 8.11
C VAL A 89 -4.28 -8.88 8.38
N THR A 90 -3.01 -9.26 8.30
CA THR A 90 -2.59 -10.61 8.49
C THR A 90 -1.97 -10.73 9.88
N PRO A 91 -1.72 -11.97 10.35
CA PRO A 91 -1.11 -12.19 11.66
C PRO A 91 0.22 -11.45 11.84
N ALA A 92 0.51 -11.09 13.09
CA ALA A 92 1.71 -10.42 13.46
C ALA A 92 2.91 -11.24 12.99
N ILE A 93 3.96 -10.54 12.55
CA ILE A 93 5.16 -11.18 12.06
C ILE A 93 6.32 -11.07 13.05
N LEU A 94 7.26 -12.01 12.98
CA LEU A 94 8.45 -11.95 13.79
C LEU A 94 9.31 -10.75 13.40
N THR A 95 9.56 -9.85 14.35
CA THR A 95 10.40 -8.69 14.11
C THR A 95 11.73 -8.68 14.87
N SER A 96 11.74 -9.24 16.08
CA SER A 96 12.98 -9.46 16.82
C SER A 96 12.99 -10.76 17.65
N ILE A 97 14.17 -11.17 18.11
CA ILE A 97 14.37 -12.32 18.97
C ILE A 97 15.26 -11.90 20.13
N GLN A 98 14.78 -12.16 21.36
CA GLN A 98 15.56 -11.88 22.58
C GLN A 98 15.98 -13.23 23.13
N ILE A 99 17.30 -13.45 23.22
CA ILE A 99 17.79 -14.68 23.85
C ILE A 99 18.15 -14.47 25.31
N SER A 100 17.93 -15.53 26.09
CA SER A 100 18.22 -15.53 27.52
C SER A 100 18.98 -16.80 27.87
N PRO A 101 19.99 -16.74 28.77
CA PRO A 101 20.41 -15.50 29.43
C PRO A 101 21.23 -14.51 28.58
N VAL A 102 21.12 -13.22 28.89
CA VAL A 102 21.78 -12.12 28.17
C VAL A 102 23.28 -12.20 28.24
N LYS A 103 23.78 -12.69 29.38
CA LYS A 103 25.15 -13.08 29.52
C LYS A 103 25.17 -14.14 30.60
N HIS A 104 26.19 -14.98 30.60
CA HIS A 104 26.24 -16.09 31.50
C HIS A 104 27.67 -16.56 31.73
N CYS A 105 27.92 -17.08 32.93
CA CYS A 105 29.18 -17.72 33.28
C CYS A 105 28.90 -19.17 33.58
N LEU A 106 29.50 -20.07 32.80
CA LEU A 106 29.24 -21.49 32.87
C LEU A 106 30.55 -22.20 33.21
N VAL A 107 30.51 -23.11 34.17
CA VAL A 107 31.66 -23.98 34.46
C VAL A 107 31.81 -25.03 33.36
N LYS A 108 33.05 -25.22 32.91
CA LYS A 108 33.34 -26.20 31.88
C LYS A 108 32.78 -27.55 32.31
N GLY A 109 32.20 -28.30 31.36
CA GLY A 109 31.63 -29.61 31.62
C GLY A 109 30.17 -29.58 32.07
N LEU A 110 29.60 -28.38 32.21
CA LEU A 110 28.18 -28.24 32.52
C LEU A 110 27.43 -27.70 31.32
N THR A 111 26.11 -27.79 31.42
CA THR A 111 25.20 -27.49 30.35
C THR A 111 24.19 -26.49 30.87
N GLU A 112 23.90 -25.49 30.04
CA GLU A 112 22.96 -24.42 30.35
C GLU A 112 21.96 -24.32 29.20
N LYS A 113 20.68 -24.15 29.55
CA LYS A 113 19.62 -24.07 28.54
C LYS A 113 19.34 -22.63 28.19
N PHE A 114 19.60 -22.25 26.93
CA PHE A 114 19.29 -20.93 26.44
C PHE A 114 17.88 -20.97 25.91
N SER A 115 17.19 -19.83 26.02
CA SER A 115 15.85 -19.74 25.46
C SER A 115 15.75 -18.54 24.55
N ALA A 116 14.89 -18.67 23.53
CA ALA A 116 14.67 -17.60 22.56
C ALA A 116 13.21 -17.20 22.61
N THR A 117 13.01 -15.89 22.78
CA THR A 117 11.69 -15.26 22.78
C THR A 117 11.60 -14.45 21.51
N GLY A 118 10.61 -14.78 20.68
CA GLY A 118 10.28 -14.01 19.51
C GLY A 118 9.42 -12.85 19.95
N ILE A 119 9.74 -11.66 19.41
CA ILE A 119 8.93 -10.48 19.57
C ILE A 119 8.36 -10.18 18.21
N TYR A 120 7.04 -9.94 18.16
CA TYR A 120 6.23 -9.84 16.91
C TYR A 120 5.88 -8.37 16.67
N SER A 121 5.32 -8.10 15.48
CA SER A 121 5.08 -6.76 15.01
C SER A 121 4.05 -6.01 15.86
N ASP A 122 3.27 -6.75 16.63
CA ASP A 122 2.35 -6.13 17.63
C ASP A 122 2.90 -6.17 19.05
N ASN A 123 4.19 -6.54 19.16
CA ASN A 123 4.89 -6.65 20.43
C ASN A 123 4.36 -7.75 21.34
N SER A 124 3.57 -8.67 20.77
CA SER A 124 3.27 -9.92 21.42
C SER A 124 4.59 -10.70 21.37
N SER A 125 4.65 -11.76 22.18
CA SER A 125 5.84 -12.59 22.23
C SER A 125 5.54 -14.05 22.45
N LYS A 126 6.53 -14.89 22.16
CA LYS A 126 6.39 -16.33 22.10
C LYS A 126 7.72 -16.97 22.34
N ASP A 127 7.74 -18.11 23.03
CA ASP A 127 8.94 -18.93 23.13
C ASP A 127 9.10 -19.63 21.80
N ILE A 128 10.25 -19.38 21.14
CA ILE A 128 10.58 -20.00 19.88
C ILE A 128 11.92 -20.73 19.98
N THR A 129 12.27 -21.15 21.19
CA THR A 129 13.52 -21.86 21.49
C THR A 129 13.76 -23.06 20.55
N SER A 130 12.70 -23.83 20.26
CA SER A 130 12.81 -25.02 19.38
C SER A 130 12.71 -24.68 17.86
N ALA A 131 12.17 -23.50 17.54
CA ALA A 131 11.96 -23.06 16.18
C ALA A 131 13.18 -22.39 15.56
N VAL A 132 13.91 -21.63 16.39
CA VAL A 132 15.11 -20.93 15.94
C VAL A 132 16.21 -21.95 15.65
N THR A 133 17.24 -21.49 14.95
CA THR A 133 18.49 -22.23 14.87
C THR A 133 19.45 -21.54 15.81
N TRP A 134 20.06 -22.31 16.71
CA TRP A 134 21.09 -21.81 17.64
C TRP A 134 22.48 -21.95 17.05
N HIS A 135 23.33 -20.94 17.28
CA HIS A 135 24.69 -20.87 16.77
C HIS A 135 25.69 -20.53 17.89
N SER A 136 26.88 -21.13 17.82
CA SER A 136 28.02 -20.76 18.66
C SER A 136 29.16 -20.29 17.78
N SER A 137 29.79 -19.18 18.17
CA SER A 137 30.91 -18.66 17.42
C SER A 137 32.18 -19.49 17.61
N ASN A 138 32.16 -20.42 18.56
CA ASN A 138 33.35 -21.23 18.86
C ASN A 138 33.01 -22.49 19.67
N ASN A 139 32.89 -23.62 18.96
CA ASN A 139 32.58 -24.90 19.60
C ASN A 139 33.65 -25.41 20.56
N SER A 140 34.87 -24.86 20.48
CA SER A 140 35.95 -25.18 21.42
C SER A 140 35.76 -24.51 22.78
N VAL A 141 34.84 -23.55 22.86
CA VAL A 141 34.49 -22.90 24.11
C VAL A 141 33.12 -23.39 24.58
N ALA A 142 32.15 -23.44 23.66
CA ALA A 142 30.85 -24.05 23.92
C ALA A 142 30.16 -24.52 22.65
N THR A 143 29.47 -25.66 22.75
CA THR A 143 28.61 -26.14 21.68
C THR A 143 27.20 -25.74 22.07
N ILE A 144 26.30 -25.70 21.10
CA ILE A 144 24.89 -25.47 21.36
C ILE A 144 24.06 -26.30 20.40
N SER A 145 23.06 -27.00 20.94
CA SER A 145 22.38 -28.01 20.15
C SER A 145 21.17 -27.46 19.43
N ASN A 146 20.90 -28.02 18.25
CA ASN A 146 19.64 -27.83 17.53
C ASN A 146 18.88 -29.16 17.41
N THR A 147 19.35 -30.17 18.15
CA THR A 147 18.74 -31.49 18.13
C THR A 147 17.42 -31.50 18.90
N LYS A 148 16.43 -32.18 18.31
CA LYS A 148 15.08 -32.26 18.89
C LYS A 148 15.18 -32.76 20.30
N GLY A 149 14.57 -32.03 21.23
CA GLY A 149 14.62 -32.34 22.66
C GLY A 149 15.80 -31.76 23.42
N TYR A 150 16.73 -31.09 22.72
CA TYR A 150 17.95 -30.47 23.29
C TYR A 150 18.15 -29.04 22.77
N GLN A 151 17.14 -28.47 22.12
CA GLN A 151 17.30 -27.20 21.45
C GLN A 151 17.69 -26.11 22.46
N GLY A 152 18.79 -25.42 22.17
CA GLY A 152 19.28 -24.31 22.99
C GLY A 152 20.22 -24.73 24.09
N GLN A 153 20.49 -26.04 24.16
CA GLN A 153 21.35 -26.61 25.17
C GLN A 153 22.80 -26.28 24.84
N ALA A 154 23.42 -25.47 25.71
CA ALA A 154 24.79 -25.04 25.56
C ALA A 154 25.68 -25.79 26.54
N HIS A 155 26.79 -26.37 26.05
CA HIS A 155 27.69 -27.17 26.88
C HIS A 155 29.06 -26.55 26.88
N GLY A 156 29.58 -26.24 28.07
CA GLY A 156 30.91 -25.66 28.22
C GLY A 156 31.99 -26.66 27.84
N THR A 157 32.64 -26.42 26.69
CA THR A 157 33.67 -27.33 26.18
C THR A 157 35.11 -26.89 26.42
N GLY A 158 35.30 -25.61 26.76
CA GLY A 158 36.62 -25.09 27.10
C GLY A 158 36.50 -23.65 27.58
N THR A 159 37.53 -23.19 28.28
CA THR A 159 37.51 -21.86 28.87
C THR A 159 37.67 -20.82 27.80
N GLY A 160 37.00 -19.67 27.99
CA GLY A 160 37.08 -18.54 27.10
C GLY A 160 35.72 -17.88 27.05
N THR A 161 35.50 -17.05 26.02
CA THR A 161 34.23 -16.42 25.78
C THR A 161 33.77 -16.74 24.38
N VAL A 162 32.45 -16.85 24.22
CA VAL A 162 31.86 -17.23 22.95
C VAL A 162 30.56 -16.43 22.76
N ASP A 163 30.22 -16.18 21.48
CA ASP A 163 28.97 -15.56 21.08
C ASP A 163 27.94 -16.65 20.81
N ILE A 164 26.81 -16.55 21.49
CA ILE A 164 25.66 -17.40 21.22
C ILE A 164 24.62 -16.50 20.53
N LYS A 165 23.93 -17.06 19.53
CA LYS A 165 22.89 -16.35 18.80
C LYS A 165 21.83 -17.30 18.30
N ALA A 166 20.60 -16.79 18.13
CA ALA A 166 19.50 -17.54 17.54
C ALA A 166 19.01 -16.80 16.33
N THR A 167 18.65 -17.57 15.28
CA THR A 167 18.14 -17.00 14.04
C THR A 167 16.90 -17.75 13.60
N LEU A 168 16.00 -17.04 12.93
CA LEU A 168 14.79 -17.61 12.36
C LEU A 168 14.44 -16.79 11.11
N GLY A 169 14.65 -17.40 9.94
CA GLY A 169 14.58 -16.70 8.67
C GLY A 169 15.56 -15.54 8.70
N ASN A 170 15.08 -14.36 8.30
CA ASN A 170 15.92 -13.17 8.23
C ASN A 170 16.02 -12.37 9.54
N VAL A 171 15.50 -12.93 10.65
CA VAL A 171 15.59 -12.32 11.96
C VAL A 171 16.72 -13.00 12.77
N SER A 172 17.55 -12.20 13.42
CA SER A 172 18.65 -12.68 14.29
C SER A 172 18.54 -12.03 15.66
N SER A 173 18.76 -12.84 16.71
CA SER A 173 18.79 -12.35 18.09
C SER A 173 20.02 -11.49 18.26
N ALA A 174 20.06 -10.75 19.37
CA ALA A 174 21.26 -10.12 19.86
C ALA A 174 22.21 -11.26 20.24
N VAL A 175 23.51 -10.97 20.25
CA VAL A 175 24.53 -11.90 20.73
C VAL A 175 24.49 -11.96 22.27
N SER A 176 24.51 -13.18 22.81
CA SER A 176 24.75 -13.37 24.24
C SER A 176 26.20 -13.85 24.46
N LYS A 177 26.94 -13.12 25.29
CA LYS A 177 28.31 -13.46 25.69
C LYS A 177 28.27 -14.54 26.77
N LEU A 178 28.75 -15.72 26.40
CA LEU A 178 28.83 -16.87 27.27
C LEU A 178 30.29 -17.08 27.59
N SER A 179 30.65 -16.91 28.87
CA SER A 179 31.99 -17.20 29.36
C SER A 179 31.97 -18.54 30.05
N VAL A 180 32.99 -19.35 29.72
CA VAL A 180 33.18 -20.65 30.30
C VAL A 180 34.45 -20.59 31.14
N THR A 181 34.35 -21.09 32.39
CA THR A 181 35.42 -21.06 33.40
C THR A 181 35.76 -22.48 33.85
N ALA A 182 36.97 -22.65 34.41
CA ALA A 182 37.53 -23.98 34.75
C ALA A 182 37.01 -24.53 36.09
N GLN B 1 19.58 5.30 23.08
CA GLN B 1 20.66 4.28 23.23
C GLN B 1 20.39 3.04 22.38
N ALA B 2 19.09 2.74 22.17
CA ALA B 2 18.66 1.59 21.37
C ALA B 2 19.04 1.77 19.90
N THR B 3 19.63 0.72 19.31
CA THR B 3 20.12 0.80 17.94
C THR B 3 19.31 -0.11 17.02
N LEU B 4 19.39 0.17 15.71
CA LEU B 4 18.62 -0.51 14.69
C LEU B 4 19.13 -1.90 14.45
N THR B 5 18.23 -2.89 14.39
CA THR B 5 18.62 -4.29 14.19
C THR B 5 18.02 -4.87 12.90
N SER B 6 16.91 -4.30 12.44
CA SER B 6 16.20 -4.82 11.31
C SER B 6 15.28 -3.74 10.69
N ILE B 7 14.91 -3.96 9.42
CA ILE B 7 14.04 -3.07 8.66
C ILE B 7 12.95 -3.91 8.02
N GLU B 8 11.70 -3.51 8.24
CA GLU B 8 10.55 -4.13 7.58
C GLU B 8 9.94 -3.12 6.62
N VAL B 9 9.57 -3.58 5.43
CA VAL B 9 8.98 -2.73 4.40
C VAL B 9 7.53 -3.12 4.21
N SER B 10 6.66 -2.12 4.29
CA SER B 10 5.24 -2.32 4.16
C SER B 10 4.71 -1.41 3.04
N PRO B 11 3.63 -1.80 2.33
CA PRO B 11 2.90 -3.04 2.58
C PRO B 11 3.56 -4.31 2.01
N THR B 12 2.98 -5.44 2.39
CA THR B 12 3.29 -6.74 1.83
C THR B 12 2.21 -7.02 0.76
N ARG B 13 2.68 -7.46 -0.40
CA ARG B 13 1.84 -7.98 -1.52
C ARG B 13 0.70 -7.02 -1.88
N ALA B 14 1.02 -5.75 -2.14
CA ALA B 14 0.09 -4.79 -2.70
C ALA B 14 -0.06 -4.92 -4.21
N SER B 15 -1.19 -4.42 -4.70
CA SER B 15 -1.48 -4.22 -6.10
C SER B 15 -1.75 -2.76 -6.36
N ILE B 16 -1.13 -2.25 -7.42
CA ILE B 16 -1.44 -0.94 -7.95
C ILE B 16 -1.60 -0.99 -9.46
N ALA B 17 -2.60 -0.27 -9.97
CA ALA B 17 -2.78 -0.11 -11.41
C ALA B 17 -1.67 0.70 -12.05
N LYS B 18 -1.31 0.30 -13.27
CA LYS B 18 -0.36 1.04 -14.09
C LYS B 18 -0.69 2.52 -14.15
N GLY B 19 0.27 3.36 -13.76
CA GLY B 19 0.16 4.80 -13.77
C GLY B 19 -0.15 5.40 -12.39
N MET B 20 -0.55 4.54 -11.45
CA MET B 20 -0.79 4.98 -10.08
C MET B 20 0.51 4.89 -9.28
N THR B 21 0.45 5.33 -8.02
CA THR B 21 1.61 5.31 -7.13
C THR B 21 1.25 4.69 -5.80
N GLN B 22 2.31 4.31 -5.06
CA GLN B 22 2.23 3.72 -3.74
C GLN B 22 3.31 4.34 -2.89
N LYS B 23 2.94 4.75 -1.67
CA LYS B 23 3.93 5.16 -0.67
C LYS B 23 4.34 3.94 0.17
N PHE B 24 5.62 3.59 0.12
CA PHE B 24 6.13 2.49 0.93
C PHE B 24 6.57 3.01 2.30
N THR B 25 6.49 2.15 3.32
CA THR B 25 6.96 2.47 4.64
C THR B 25 8.10 1.54 5.05
N ALA B 26 9.17 2.13 5.58
CA ALA B 26 10.26 1.40 6.22
C ALA B 26 10.11 1.54 7.72
N THR B 27 9.89 0.42 8.40
CA THR B 27 9.80 0.42 9.85
C THR B 27 11.09 -0.19 10.42
N GLY B 28 11.81 0.61 11.23
CA GLY B 28 13.00 0.17 11.91
C GLY B 28 12.66 -0.58 13.17
N ILE B 29 13.36 -1.69 13.40
CA ILE B 29 13.22 -2.48 14.62
C ILE B 29 14.51 -2.29 15.39
N PHE B 30 14.38 -2.03 16.69
CA PHE B 30 15.50 -1.67 17.53
C PHE B 30 15.82 -2.67 18.64
N THR B 31 17.01 -2.52 19.23
CA THR B 31 17.54 -3.46 20.20
C THR B 31 16.63 -3.63 21.41
N ASP B 32 15.81 -2.61 21.68
CA ASP B 32 14.81 -2.69 22.75
C ASP B 32 13.45 -3.22 22.29
N HIS B 33 13.41 -3.69 21.04
CA HIS B 33 12.23 -4.32 20.41
C HIS B 33 11.12 -3.33 20.02
N SER B 34 11.41 -2.03 20.16
CA SER B 34 10.54 -0.96 19.72
C SER B 34 10.68 -0.72 18.22
N LYS B 35 9.72 0.02 17.66
CA LYS B 35 9.67 0.29 16.22
C LYS B 35 9.66 1.80 15.98
N LYS B 36 10.17 2.20 14.81
CA LYS B 36 10.15 3.58 14.39
C LYS B 36 10.02 3.67 12.87
N ASN B 37 9.27 4.67 12.42
CA ASN B 37 9.22 5.01 11.01
C ASN B 37 10.57 5.58 10.56
N ILE B 38 11.28 4.84 9.72
CA ILE B 38 12.57 5.30 9.16
C ILE B 38 12.53 5.47 7.63
N THR B 39 11.31 5.67 7.09
CA THR B 39 11.10 5.88 5.66
C THR B 39 11.98 6.97 5.04
N GLU B 40 12.17 8.07 5.76
CA GLU B 40 12.94 9.20 5.27
C GLU B 40 14.44 9.00 5.44
N GLN B 41 14.83 8.00 6.22
CA GLN B 41 16.23 7.81 6.62
C GLN B 41 16.93 6.75 5.74
N VAL B 42 16.15 5.77 5.30
CA VAL B 42 16.63 4.75 4.38
C VAL B 42 16.84 5.29 2.96
N THR B 43 17.53 4.48 2.16
CA THR B 43 17.59 4.61 0.74
C THR B 43 16.69 3.53 0.12
N TRP B 44 15.86 3.94 -0.84
CA TRP B 44 14.93 3.04 -1.51
C TRP B 44 15.41 2.64 -2.88
N LYS B 45 15.07 1.42 -3.30
CA LYS B 45 15.33 0.98 -4.67
C LYS B 45 14.31 -0.04 -5.12
N SER B 46 14.23 -0.22 -6.45
CA SER B 46 13.30 -1.10 -7.11
C SER B 46 14.05 -2.03 -8.02
N SER B 47 13.58 -3.27 -8.11
CA SER B 47 14.25 -4.32 -8.88
C SER B 47 14.02 -4.24 -10.39
N SER B 48 13.05 -3.42 -10.81
CA SER B 48 12.65 -3.38 -12.19
C SER B 48 12.14 -2.01 -12.61
N LYS B 49 12.28 -1.73 -13.91
CA LYS B 49 11.81 -0.47 -14.46
C LYS B 49 10.30 -0.36 -14.44
N ALA B 50 9.62 -1.49 -14.21
CA ALA B 50 8.18 -1.52 -14.04
C ALA B 50 7.67 -0.69 -12.86
N LEU B 51 8.54 -0.42 -11.87
CA LEU B 51 8.21 0.47 -10.78
C LEU B 51 9.34 1.44 -10.52
N SER B 52 9.03 2.73 -10.62
CA SER B 52 10.01 3.79 -10.50
C SER B 52 9.97 4.36 -9.07
N MET B 53 11.08 4.26 -8.34
CA MET B 53 11.17 4.73 -6.95
C MET B 53 11.71 6.13 -6.83
N LEU B 54 11.26 6.84 -5.78
CA LEU B 54 11.81 8.15 -5.42
C LEU B 54 12.52 8.15 -4.06
N ASN B 55 13.68 8.83 -4.03
CA ASN B 55 14.44 9.07 -2.82
C ASN B 55 14.60 10.55 -2.55
N ALA B 56 13.99 11.38 -3.40
CA ALA B 56 14.11 12.82 -3.27
C ALA B 56 13.41 13.29 -2.00
N PRO B 57 13.95 14.33 -1.31
CA PRO B 57 13.29 14.91 -0.14
C PRO B 57 11.80 15.23 -0.39
N GLY B 58 10.95 14.80 0.55
CA GLY B 58 9.52 14.95 0.46
C GLY B 58 8.82 13.73 -0.12
N GLU B 59 9.49 13.02 -1.03
CA GLU B 59 8.85 11.96 -1.83
C GLU B 59 9.40 10.58 -1.47
N GLU B 60 10.22 10.53 -0.41
CA GLU B 60 10.97 9.32 -0.08
C GLU B 60 10.04 8.10 -0.02
N GLY B 61 10.39 7.08 -0.79
CA GLY B 61 9.67 5.81 -0.72
C GLY B 61 8.41 5.73 -1.55
N THR B 62 8.22 6.72 -2.43
CA THR B 62 7.10 6.71 -3.36
C THR B 62 7.53 5.98 -4.63
N GLY B 63 6.73 4.98 -5.01
CA GLY B 63 6.90 4.24 -6.25
C GLY B 63 5.80 4.49 -7.26
N LYS B 64 6.16 4.58 -8.54
CA LYS B 64 5.18 4.80 -9.60
C LYS B 64 5.14 3.59 -10.51
N ALA B 65 3.93 3.08 -10.74
CA ALA B 65 3.68 1.93 -11.61
C ALA B 65 3.89 2.29 -13.06
N ILE B 66 4.95 1.76 -13.67
CA ILE B 66 5.33 2.07 -15.04
C ILE B 66 4.83 0.99 -16.01
N ALA B 67 4.96 -0.28 -15.61
CA ALA B 67 4.54 -1.40 -16.44
C ALA B 67 4.02 -2.52 -15.57
N VAL B 68 3.13 -3.32 -16.14
CA VAL B 68 2.55 -4.45 -15.46
C VAL B 68 3.64 -5.44 -15.11
N GLY B 69 3.49 -6.11 -13.95
CA GLY B 69 4.44 -7.12 -13.51
C GLY B 69 4.66 -7.13 -12.01
N ASN B 70 5.67 -7.91 -11.59
CA ASN B 70 6.01 -8.12 -10.19
C ASN B 70 7.35 -7.46 -9.92
N ILE B 71 7.41 -6.66 -8.84
CA ILE B 71 8.60 -5.90 -8.49
C ILE B 71 8.96 -6.09 -7.02
N SER B 72 10.28 -6.19 -6.75
CA SER B 72 10.81 -6.21 -5.42
C SER B 72 11.35 -4.82 -5.05
N ILE B 73 10.95 -4.33 -3.88
CA ILE B 73 11.30 -3.01 -3.36
C ILE B 73 12.15 -3.22 -2.12
N THR B 74 13.28 -2.51 -2.05
CA THR B 74 14.21 -2.65 -0.94
C THR B 74 14.51 -1.31 -0.27
N ALA B 75 14.48 -1.32 1.07
CA ALA B 75 14.93 -0.21 1.91
C ALA B 75 16.21 -0.60 2.61
N THR B 76 17.20 0.30 2.60
CA THR B 76 18.55 -0.01 3.05
C THR B 76 19.05 1.13 3.90
N LEU B 77 19.70 0.77 5.01
CA LEU B 77 20.44 1.71 5.84
C LEU B 77 21.65 0.96 6.39
N GLU B 78 22.84 1.40 5.95
CA GLU B 78 24.10 0.77 6.27
C GLU B 78 24.04 -0.70 5.82
N LYS B 79 24.30 -1.64 6.72
CA LYS B 79 24.35 -3.06 6.37
C LYS B 79 22.98 -3.75 6.34
N LEU B 80 21.93 -3.01 6.74
CA LEU B 80 20.61 -3.59 6.96
C LEU B 80 19.71 -3.26 5.79
N SER B 81 18.90 -4.22 5.38
CA SER B 81 17.89 -4.01 4.35
C SER B 81 16.62 -4.77 4.67
N GLY B 82 15.49 -4.20 4.23
CA GLY B 82 14.21 -4.87 4.19
C GLY B 82 13.63 -4.80 2.79
N LYS B 83 12.80 -5.79 2.45
CA LYS B 83 12.17 -5.88 1.15
C LYS B 83 10.69 -6.15 1.23
N THR B 84 9.99 -5.80 0.17
CA THR B 84 8.62 -6.27 -0.07
C THR B 84 8.40 -6.44 -1.57
N ASP B 85 7.29 -7.11 -1.91
CA ASP B 85 6.90 -7.34 -3.28
C ASP B 85 5.61 -6.61 -3.60
N ILE B 86 5.57 -5.97 -4.78
CA ILE B 86 4.36 -5.28 -5.25
C ILE B 86 4.02 -5.75 -6.66
N THR B 87 2.72 -5.70 -6.99
CA THR B 87 2.22 -6.14 -8.29
C THR B 87 1.60 -4.95 -8.97
N VAL B 88 2.03 -4.70 -10.21
CA VAL B 88 1.40 -3.68 -11.04
C VAL B 88 0.42 -4.37 -11.98
N THR B 89 -0.84 -3.92 -11.92
CA THR B 89 -1.91 -4.48 -12.70
C THR B 89 -2.25 -3.52 -13.84
N PRO B 90 -3.09 -3.93 -14.81
CA PRO B 90 -3.42 -3.07 -15.95
C PRO B 90 -4.00 -1.72 -15.54
N ALA B 91 -3.77 -0.72 -16.39
CA ALA B 91 -4.29 0.62 -16.20
C ALA B 91 -5.79 0.55 -16.10
N ILE B 92 -6.34 1.41 -15.24
CA ILE B 92 -7.76 1.45 -14.99
C ILE B 92 -8.41 2.69 -15.60
N LEU B 93 -9.71 2.60 -15.88
CA LEU B 93 -10.47 3.80 -16.28
C LEU B 93 -10.49 4.81 -15.15
N THR B 94 -9.98 6.01 -15.41
CA THR B 94 -9.98 7.09 -14.43
C THR B 94 -10.91 8.26 -14.76
N SER B 95 -11.03 8.58 -16.05
CA SER B 95 -11.96 9.60 -16.51
C SER B 95 -12.56 9.27 -17.90
N ILE B 96 -13.63 10.00 -18.24
CA ILE B 96 -14.29 9.93 -19.52
C ILE B 96 -14.45 11.35 -20.04
N GLN B 97 -14.02 11.58 -21.29
CA GLN B 97 -14.21 12.84 -21.99
C GLN B 97 -15.31 12.63 -23.03
N ILE B 98 -16.41 13.37 -22.91
CA ILE B 98 -17.47 13.31 -23.90
C ILE B 98 -17.40 14.46 -24.89
N SER B 99 -17.84 14.19 -26.13
CA SER B 99 -17.85 15.15 -27.21
C SER B 99 -19.21 15.10 -27.91
N PRO B 100 -19.81 16.23 -28.31
CA PRO B 100 -19.22 17.55 -28.13
C PRO B 100 -19.27 18.12 -26.70
N VAL B 101 -18.28 18.95 -26.36
CA VAL B 101 -18.11 19.59 -25.06
C VAL B 101 -19.27 20.51 -24.73
N LYS B 102 -19.81 21.15 -25.77
CA LYS B 102 -21.05 21.87 -25.69
C LYS B 102 -21.61 21.87 -27.09
N HIS B 103 -22.92 22.04 -27.20
CA HIS B 103 -23.59 21.94 -28.47
C HIS B 103 -24.92 22.67 -28.43
N CYS B 104 -25.28 23.25 -29.57
CA CYS B 104 -26.58 23.88 -29.77
C CYS B 104 -27.32 23.11 -30.84
N LEU B 105 -28.47 22.55 -30.46
CA LEU B 105 -29.21 21.64 -31.32
C LEU B 105 -30.59 22.20 -31.55
N VAL B 106 -31.04 22.19 -32.80
CA VAL B 106 -32.40 22.65 -33.14
C VAL B 106 -33.39 21.57 -32.73
N LYS B 107 -34.50 21.98 -32.11
CA LYS B 107 -35.52 21.02 -31.70
C LYS B 107 -35.93 20.16 -32.90
N GLY B 108 -36.08 18.85 -32.69
CA GLY B 108 -36.42 17.92 -33.75
C GLY B 108 -35.23 17.33 -34.51
N LEU B 109 -34.01 17.73 -34.15
CA LEU B 109 -32.80 17.20 -34.79
C LEU B 109 -32.04 16.38 -33.76
N THR B 110 -31.01 15.67 -34.24
CA THR B 110 -30.31 14.66 -33.48
C THR B 110 -28.83 14.94 -33.64
N GLU B 111 -28.08 14.79 -32.54
CA GLU B 111 -26.62 14.91 -32.54
C GLU B 111 -26.04 13.69 -31.86
N LYS B 112 -24.96 13.14 -32.43
CA LYS B 112 -24.29 11.97 -31.88
C LYS B 112 -23.16 12.37 -30.95
N PHE B 113 -23.30 11.99 -29.67
CA PHE B 113 -22.28 12.22 -28.69
C PHE B 113 -21.34 11.01 -28.72
N SER B 114 -20.07 11.26 -28.43
CA SER B 114 -19.09 10.19 -28.32
C SER B 114 -18.31 10.31 -27.01
N ALA B 115 -17.78 9.19 -26.52
CA ALA B 115 -17.10 9.11 -25.24
C ALA B 115 -15.72 8.48 -25.38
N THR B 116 -14.72 9.17 -24.83
CA THR B 116 -13.33 8.70 -24.79
C THR B 116 -12.98 8.39 -23.33
N GLY B 117 -12.61 7.14 -23.08
CA GLY B 117 -12.11 6.70 -21.78
C GLY B 117 -10.66 7.06 -21.65
N ILE B 118 -10.28 7.68 -20.53
CA ILE B 118 -8.90 8.00 -20.21
C ILE B 118 -8.52 7.14 -19.01
N TYR B 119 -7.36 6.49 -19.10
CA TYR B 119 -6.89 5.45 -18.16
C TYR B 119 -5.77 6.02 -17.29
N SER B 120 -5.41 5.25 -16.26
CA SER B 120 -4.53 5.71 -15.20
C SER B 120 -3.11 5.99 -15.69
N ASP B 121 -2.76 5.41 -16.84
CA ASP B 121 -1.47 5.69 -17.50
C ASP B 121 -1.62 6.70 -18.65
N ASN B 122 -2.78 7.35 -18.72
CA ASN B 122 -3.10 8.32 -19.77
C ASN B 122 -3.23 7.75 -21.18
N SER B 123 -3.35 6.43 -21.27
CA SER B 123 -3.81 5.82 -22.50
C SER B 123 -5.30 6.15 -22.60
N SER B 124 -5.87 5.96 -23.79
CA SER B 124 -7.28 6.25 -24.01
C SER B 124 -7.85 5.42 -25.13
N LYS B 125 -9.18 5.37 -25.21
CA LYS B 125 -9.89 4.74 -26.31
C LYS B 125 -11.34 5.18 -26.35
N ASP B 126 -11.98 4.91 -27.47
CA ASP B 126 -13.39 5.21 -27.67
C ASP B 126 -14.20 4.19 -26.91
N ILE B 127 -15.07 4.66 -26.02
CA ILE B 127 -15.98 3.80 -25.26
C ILE B 127 -17.44 4.25 -25.44
N THR B 128 -17.72 4.87 -26.58
CA THR B 128 -19.05 5.42 -26.89
C THR B 128 -20.20 4.43 -26.67
N SER B 129 -19.97 3.18 -27.09
CA SER B 129 -20.97 2.12 -26.99
C SER B 129 -21.00 1.39 -25.63
N ALA B 130 -19.90 1.54 -24.86
CA ALA B 130 -19.75 0.89 -23.55
C ALA B 130 -20.39 1.68 -22.43
N VAL B 131 -20.26 3.00 -22.50
CA VAL B 131 -20.83 3.89 -21.52
C VAL B 131 -22.35 3.84 -21.57
N THR B 132 -22.96 4.32 -20.49
CA THR B 132 -24.38 4.55 -20.44
C THR B 132 -24.53 6.04 -20.54
N TRP B 133 -25.40 6.50 -21.46
CA TRP B 133 -25.65 7.93 -21.68
C TRP B 133 -26.87 8.38 -20.89
N HIS B 134 -26.76 9.59 -20.31
CA HIS B 134 -27.82 10.16 -19.46
C HIS B 134 -28.14 11.59 -19.90
N SER B 135 -29.42 11.96 -19.82
CA SER B 135 -29.86 13.35 -19.94
C SER B 135 -30.51 13.77 -18.62
N SER B 136 -30.17 14.97 -18.15
CA SER B 136 -30.77 15.48 -16.93
C SER B 136 -32.23 15.89 -17.11
N ASN B 137 -32.71 15.95 -18.36
CA ASN B 137 -34.09 16.34 -18.65
C ASN B 137 -34.54 15.90 -20.05
N ASN B 138 -35.23 14.75 -20.10
CA ASN B 138 -35.72 14.20 -21.36
C ASN B 138 -36.74 15.07 -22.10
N SER B 139 -37.34 16.05 -21.40
CA SER B 139 -38.26 17.02 -22.01
C SER B 139 -37.53 18.11 -22.80
N VAL B 140 -36.20 18.17 -22.63
CA VAL B 140 -35.34 19.05 -23.41
C VAL B 140 -34.57 18.25 -24.46
N ALA B 141 -34.00 17.12 -24.04
CA ALA B 141 -33.37 16.17 -24.95
C ALA B 141 -33.32 14.76 -24.39
N THR B 142 -33.55 13.78 -25.28
CA THR B 142 -33.37 12.38 -24.92
C THR B 142 -32.00 11.98 -25.44
N ILE B 143 -31.46 10.88 -24.94
CA ILE B 143 -30.22 10.33 -25.45
C ILE B 143 -30.29 8.82 -25.36
N SER B 144 -29.92 8.14 -26.44
CA SER B 144 -30.19 6.73 -26.58
C SER B 144 -29.06 5.89 -26.04
N ASN B 145 -29.44 4.72 -25.49
CA ASN B 145 -28.53 3.68 -25.09
C ASN B 145 -28.75 2.41 -25.94
N THR B 146 -29.54 2.56 -27.01
CA THR B 146 -29.88 1.46 -27.89
C THR B 146 -28.72 1.08 -28.80
N LYS B 147 -28.45 -0.23 -28.92
CA LYS B 147 -27.41 -0.76 -29.77
C LYS B 147 -27.49 -0.15 -31.16
N GLY B 148 -26.37 0.42 -31.62
CA GLY B 148 -26.28 1.08 -32.90
C GLY B 148 -26.67 2.56 -32.92
N TYR B 149 -27.18 3.07 -31.79
CA TYR B 149 -27.64 4.48 -31.62
C TYR B 149 -27.07 5.09 -30.34
N GLN B 150 -26.10 4.42 -29.70
CA GLN B 150 -25.58 4.87 -28.42
C GLN B 150 -25.03 6.28 -28.61
N GLY B 151 -25.48 7.19 -27.74
CA GLY B 151 -25.00 8.56 -27.70
C GLY B 151 -25.85 9.50 -28.54
N GLN B 152 -26.88 8.96 -29.18
CA GLN B 152 -27.73 9.74 -30.07
C GLN B 152 -28.65 10.63 -29.23
N ALA B 153 -28.45 11.94 -29.30
CA ALA B 153 -29.21 12.92 -28.54
C ALA B 153 -30.21 13.62 -29.46
N HIS B 154 -31.47 13.71 -29.04
CA HIS B 154 -32.54 14.27 -29.85
C HIS B 154 -33.20 15.42 -29.12
N GLY B 155 -33.25 16.59 -29.76
CA GLY B 155 -33.89 17.76 -29.21
C GLY B 155 -35.39 17.62 -29.08
N THR B 156 -35.89 17.49 -27.85
CA THR B 156 -37.33 17.31 -27.62
C THR B 156 -38.07 18.57 -27.16
N GLY B 157 -37.34 19.58 -26.70
CA GLY B 157 -37.91 20.86 -26.30
C GLY B 157 -36.81 21.86 -25.99
N THR B 158 -37.14 23.14 -26.04
CA THR B 158 -36.14 24.19 -25.86
C THR B 158 -35.72 24.25 -24.40
N GLY B 159 -34.45 24.58 -24.17
CA GLY B 159 -33.87 24.67 -22.85
C GLY B 159 -32.44 24.22 -22.90
N THR B 160 -31.86 23.98 -21.73
CA THR B 160 -30.51 23.45 -21.61
C THR B 160 -30.58 22.22 -20.74
N VAL B 161 -29.69 21.26 -21.03
CA VAL B 161 -29.70 19.99 -20.35
C VAL B 161 -28.25 19.54 -20.18
N ASP B 162 -28.01 18.75 -19.12
CA ASP B 162 -26.74 18.09 -18.87
C ASP B 162 -26.74 16.73 -19.51
N ILE B 163 -25.74 16.50 -20.36
CA ILE B 163 -25.48 15.18 -20.91
C ILE B 163 -24.24 14.65 -20.21
N LYS B 164 -24.30 13.37 -19.83
CA LYS B 164 -23.14 12.70 -19.28
C LYS B 164 -23.10 11.24 -19.65
N ALA B 165 -21.90 10.68 -19.63
CA ALA B 165 -21.64 9.28 -19.82
C ALA B 165 -21.06 8.72 -18.54
N THR B 166 -21.44 7.48 -18.25
CA THR B 166 -20.94 6.78 -17.09
C THR B 166 -20.56 5.37 -17.47
N LEU B 167 -19.57 4.83 -16.74
CA LEU B 167 -19.17 3.44 -16.88
C LEU B 167 -18.67 3.02 -15.51
N GLY B 168 -19.45 2.16 -14.85
CA GLY B 168 -19.20 1.79 -13.47
C GLY B 168 -19.23 3.04 -12.63
N ASN B 169 -18.22 3.21 -11.77
CA ASN B 169 -18.16 4.35 -10.87
C ASN B 169 -17.50 5.60 -11.44
N VAL B 170 -17.22 5.60 -12.76
CA VAL B 170 -16.64 6.74 -13.44
C VAL B 170 -17.76 7.46 -14.21
N SER B 171 -17.76 8.80 -14.10
CA SER B 171 -18.67 9.68 -14.79
C SER B 171 -17.87 10.72 -15.57
N SER B 172 -18.30 10.98 -16.81
CA SER B 172 -17.74 12.04 -17.65
C SER B 172 -18.05 13.37 -17.00
N GLN B 173 -17.37 14.42 -17.47
CA GLN B 173 -17.77 15.77 -17.18
C GLN B 173 -19.10 15.97 -17.92
N VAL B 174 -19.91 16.89 -17.42
CA VAL B 174 -21.16 17.28 -18.04
C VAL B 174 -20.91 18.10 -19.31
N SER B 175 -21.62 17.72 -20.39
CA SER B 175 -21.70 18.56 -21.58
C SER B 175 -23.05 19.29 -21.58
N LYS B 176 -23.01 20.62 -21.66
CA LYS B 176 -24.20 21.46 -21.78
C LYS B 176 -24.73 21.40 -23.22
N LEU B 177 -25.92 20.83 -23.34
CA LEU B 177 -26.63 20.74 -24.60
C LEU B 177 -27.80 21.67 -24.54
N SER B 178 -27.77 22.70 -25.40
CA SER B 178 -28.86 23.64 -25.52
C SER B 178 -29.67 23.29 -26.76
N VAL B 179 -31.00 23.29 -26.60
CA VAL B 179 -31.93 23.03 -27.67
C VAL B 179 -32.68 24.33 -27.94
N THR B 180 -32.74 24.72 -29.22
CA THR B 180 -33.33 25.97 -29.69
C THR B 180 -34.45 25.69 -30.67
N ALA B 181 -35.39 26.64 -30.76
CA ALA B 181 -36.52 26.55 -31.68
C ALA B 181 -36.01 26.77 -33.10
N ALA B 182 -36.61 26.09 -34.08
CA ALA B 182 -36.46 26.46 -35.49
C ALA B 182 -37.05 27.88 -35.69
N GLU B 183 -36.54 28.61 -36.68
CA GLU B 183 -37.02 29.96 -37.00
C GLU B 183 -38.27 29.92 -37.86
#